data_8XWT
#
_entry.id   8XWT
#
_cell.length_a   54.570
_cell.length_b   81.222
_cell.length_c   87.056
_cell.angle_alpha   90.000
_cell.angle_beta   96.500
_cell.angle_gamma   90.000
#
_symmetry.space_group_name_H-M   'I 1 2 1'
#
loop_
_entity.id
_entity.type
_entity.pdbx_description
1 polymer '3C-like proteinase nsp5'
2 polymer CYS-SER-GLY-VAL-THR-PHE-GLN-SER-ALA-VAL-LYS-ARG-THR-ILE
3 water water
#
loop_
_entity_poly.entity_id
_entity_poly.type
_entity_poly.pdbx_seq_one_letter_code
_entity_poly.pdbx_strand_id
1 'polypeptide(L)'
;SGFRKMAFPSGKVEGCMVQVTCGTTTLNGLWLDDVVYCPRHVICTSEDMFNPNYEDLLIRKSNHNFLVQAGNVQLRVIGH
SMQNCVLKLKVDTANPKTPKYKFVRIQPGQTFSVLACYNGSPSGVYQCAMRPNFTIKGSFLNGSAGSVGFNIDYDCVSFC
YMHHMELPTGVHAGTDLEGNFYGPFVDRQTAQAAGTDTTITVNVLAWLYAAVINGDRWFLNRFTTTLNDFNLVAMKYNYE
PLTQDHVDILGPLSAQTGIAVLDMCASLKELLQNGMNGRTILGSALLEDEFTPFDVVRQCSGVTFQ
;
A
2 'polypeptide(L)' CSGVTFQSAVKRTI B
#
# COMPACT_ATOMS: atom_id res chain seq x y z
N SER A 1 -19.45 17.19 6.43
CA SER A 1 -18.13 17.73 6.88
C SER A 1 -17.30 16.63 7.55
N GLY A 2 -16.04 16.97 7.85
CA GLY A 2 -15.03 16.11 8.46
C GLY A 2 -14.11 15.51 7.40
N PHE A 3 -12.97 15.02 7.82
CA PHE A 3 -12.05 14.40 6.86
C PHE A 3 -11.23 13.37 7.61
N ARG A 4 -11.41 12.11 7.26
CA ARG A 4 -10.79 11.01 7.98
C ARG A 4 -9.88 10.22 7.05
N LYS A 5 -8.92 9.50 7.63
CA LYS A 5 -8.17 8.51 6.87
C LYS A 5 -9.12 7.37 6.56
N MET A 6 -9.59 7.28 5.32
CA MET A 6 -10.72 6.41 5.02
C MET A 6 -10.29 5.28 4.10
N ALA A 7 -10.55 4.05 4.53
CA ALA A 7 -10.25 2.85 3.76
C ALA A 7 -11.48 2.41 2.97
N PHE A 8 -11.25 1.66 1.90
CA PHE A 8 -12.39 1.02 1.22
C PHE A 8 -13.01 -0.07 2.10
N PRO A 9 -14.33 -0.30 1.93
CA PRO A 9 -14.99 -1.44 2.57
C PRO A 9 -14.27 -2.72 2.19
N SER A 10 -13.92 -3.52 3.20
CA SER A 10 -13.02 -4.67 3.02
C SER A 10 -13.73 -5.98 2.71
N GLY A 11 -15.08 -5.99 2.67
CA GLY A 11 -15.81 -7.26 2.56
C GLY A 11 -15.43 -8.10 1.35
N LYS A 12 -15.32 -7.45 0.19
CA LYS A 12 -14.97 -8.19 -1.03
C LYS A 12 -13.62 -8.88 -0.89
N VAL A 13 -12.72 -8.32 -0.10
CA VAL A 13 -11.40 -8.94 0.06
C VAL A 13 -11.40 -9.99 1.18
N GLU A 14 -12.17 -9.75 2.26
CA GLU A 14 -12.24 -10.71 3.36
C GLU A 14 -12.60 -12.10 2.85
N GLY A 15 -13.52 -12.16 1.92
CA GLY A 15 -13.94 -13.44 1.37
C GLY A 15 -12.90 -14.14 0.54
N CYS A 16 -11.71 -13.56 0.38
CA CYS A 16 -10.66 -14.17 -0.42
C CYS A 16 -9.50 -14.63 0.43
N MET A 17 -9.53 -14.41 1.73
CA MET A 17 -8.33 -14.57 2.52
C MET A 17 -8.29 -16.02 3.00
N VAL A 18 -7.13 -16.67 2.89
CA VAL A 18 -6.96 -18.06 3.34
C VAL A 18 -5.63 -18.19 4.07
N GLN A 19 -5.43 -19.36 4.67
CA GLN A 19 -4.22 -19.67 5.38
C GLN A 19 -3.41 -20.61 4.52
N VAL A 20 -2.11 -20.38 4.41
CA VAL A 20 -1.23 -21.25 3.66
C VAL A 20 -0.09 -21.67 4.58
N THR A 21 0.14 -22.99 4.66
CA THR A 21 1.18 -23.52 5.52
C THR A 21 2.04 -24.49 4.73
N CYS A 22 3.34 -24.43 4.97
CA CYS A 22 4.29 -25.32 4.32
C CYS A 22 5.33 -25.64 5.39
N GLY A 23 5.35 -26.89 5.83
CA GLY A 23 6.25 -27.24 6.90
C GLY A 23 5.80 -26.60 8.19
N THR A 24 6.74 -25.89 8.84
CA THR A 24 6.44 -25.17 10.06
C THR A 24 6.25 -23.66 9.81
N THR A 25 6.03 -23.26 8.55
CA THR A 25 5.90 -21.85 8.18
C THR A 25 4.49 -21.59 7.68
N THR A 26 3.82 -20.59 8.27
CA THR A 26 2.47 -20.29 7.85
C THR A 26 2.34 -18.80 7.60
N LEU A 27 1.44 -18.46 6.70
CA LEU A 27 1.14 -17.05 6.36
C LEU A 27 -0.20 -17.04 5.64
N ASN A 28 -0.57 -15.90 5.07
CA ASN A 28 -1.88 -15.75 4.45
C ASN A 28 -1.76 -15.88 2.94
N GLY A 29 -2.85 -16.30 2.29
CA GLY A 29 -2.92 -16.30 0.85
C GLY A 29 -4.18 -15.64 0.36
N LEU A 30 -4.23 -15.40 -0.96
CA LEU A 30 -5.36 -14.71 -1.61
C LEU A 30 -5.99 -15.66 -2.60
N TRP A 31 -7.24 -16.05 -2.33
CA TRP A 31 -7.94 -17.08 -3.11
C TRP A 31 -8.86 -16.40 -4.15
N LEU A 32 -8.48 -16.46 -5.44
CA LEU A 32 -9.29 -15.89 -6.50
C LEU A 32 -9.52 -16.98 -7.53
N ASP A 33 -10.78 -17.29 -7.82
CA ASP A 33 -11.14 -18.43 -8.71
C ASP A 33 -10.45 -19.66 -8.13
N ASP A 34 -9.77 -20.48 -8.94
CA ASP A 34 -9.18 -21.69 -8.38
C ASP A 34 -7.68 -21.54 -8.11
N VAL A 35 -7.22 -20.34 -7.76
CA VAL A 35 -5.80 -20.10 -7.51
C VAL A 35 -5.63 -19.38 -6.18
N VAL A 36 -4.60 -19.77 -5.43
CA VAL A 36 -4.24 -19.11 -4.19
C VAL A 36 -2.87 -18.50 -4.37
N TYR A 37 -2.78 -17.18 -4.18
CA TYR A 37 -1.55 -16.42 -4.32
C TYR A 37 -0.95 -16.16 -2.94
N CYS A 38 0.36 -16.33 -2.79
CA CYS A 38 0.96 -16.07 -1.48
C CYS A 38 2.45 -15.82 -1.67
N PRO A 39 3.12 -15.26 -0.65
CA PRO A 39 4.56 -15.01 -0.77
C PRO A 39 5.32 -16.32 -0.90
N ARG A 40 6.31 -16.31 -1.79
CA ARG A 40 7.02 -17.57 -2.00
C ARG A 40 7.89 -17.91 -0.80
N HIS A 41 8.15 -16.95 0.11
CA HIS A 41 9.00 -17.32 1.24
C HIS A 41 8.29 -18.26 2.21
N VAL A 42 7.02 -18.61 1.98
CA VAL A 42 6.36 -19.65 2.77
C VAL A 42 7.11 -20.99 2.65
N ILE A 43 7.85 -21.22 1.55
CA ILE A 43 8.48 -22.53 1.34
C ILE A 43 9.83 -22.59 2.03
N CYS A 44 10.16 -21.57 2.81
CA CYS A 44 11.48 -21.37 3.38
C CYS A 44 11.46 -21.77 4.85
N THR A 45 12.42 -22.58 5.24
CA THR A 45 12.77 -22.67 6.65
C THR A 45 13.62 -21.46 6.99
N SER A 46 13.60 -21.06 8.27
CA SER A 46 14.43 -19.93 8.70
C SER A 46 15.90 -20.14 8.32
N GLU A 47 16.36 -21.39 8.33
CA GLU A 47 17.72 -21.73 7.91
C GLU A 47 17.96 -21.43 6.43
N ASP A 48 16.91 -21.36 5.62
CA ASP A 48 17.04 -21.12 4.18
C ASP A 48 17.13 -19.64 3.81
N MET A 49 17.18 -18.71 4.78
CA MET A 49 16.85 -17.33 4.46
C MET A 49 18.01 -16.45 4.03
N PHE A 50 19.27 -16.76 4.36
CA PHE A 50 20.28 -15.78 4.01
C PHE A 50 20.48 -15.69 2.48
N ASN A 51 20.42 -16.83 1.77
CA ASN A 51 20.52 -16.83 0.31
C ASN A 51 19.67 -17.95 -0.31
N PRO A 52 18.34 -17.86 -0.19
CA PRO A 52 17.49 -18.97 -0.66
C PRO A 52 17.64 -19.14 -2.16
N ASN A 53 17.66 -20.37 -2.63
CA ASN A 53 17.45 -20.59 -4.06
C ASN A 53 16.05 -21.16 -4.16
N TYR A 54 15.09 -20.33 -4.55
CA TYR A 54 13.69 -20.73 -4.50
C TYR A 54 13.35 -21.75 -5.57
N GLU A 55 13.99 -21.66 -6.73
CA GLU A 55 13.76 -22.68 -7.75
C GLU A 55 14.11 -24.05 -7.19
N ASP A 56 15.26 -24.14 -6.50
CA ASP A 56 15.66 -25.37 -5.81
C ASP A 56 14.68 -25.76 -4.71
N LEU A 57 14.36 -24.83 -3.82
CA LEU A 57 13.47 -25.21 -2.72
C LEU A 57 12.11 -25.64 -3.23
N LEU A 58 11.68 -25.11 -4.37
CA LEU A 58 10.35 -25.45 -4.87
C LEU A 58 10.34 -26.79 -5.62
N ILE A 59 11.37 -27.08 -6.41
CA ILE A 59 11.42 -28.38 -7.11
C ILE A 59 11.40 -29.52 -6.10
N ARG A 60 11.83 -29.28 -4.86
CA ARG A 60 11.86 -30.29 -3.82
C ARG A 60 10.53 -30.45 -3.11
N LYS A 61 9.50 -29.69 -3.46
CA LYS A 61 8.18 -29.79 -2.82
C LYS A 61 7.18 -30.46 -3.75
N SER A 62 6.17 -31.06 -3.13
CA SER A 62 5.01 -31.65 -3.79
C SER A 62 3.76 -30.83 -3.47
N ASN A 63 2.71 -31.01 -4.28
CA ASN A 63 1.42 -30.36 -3.99
C ASN A 63 0.96 -30.62 -2.55
N HIS A 64 1.12 -31.85 -2.05
CA HIS A 64 0.67 -32.17 -0.70
C HIS A 64 1.52 -31.49 0.37
N ASN A 65 2.64 -30.86 -0.01
CA ASN A 65 3.41 -30.12 0.99
C ASN A 65 2.75 -28.80 1.37
N PHE A 66 1.68 -28.37 0.68
CA PHE A 66 1.02 -27.06 0.91
C PHE A 66 -0.37 -27.24 1.51
N LEU A 67 -0.53 -26.81 2.76
CA LEU A 67 -1.81 -26.88 3.44
C LEU A 67 -2.52 -25.54 3.28
N VAL A 68 -3.65 -25.54 2.58
CA VAL A 68 -4.45 -24.34 2.38
C VAL A 68 -5.76 -24.50 3.15
N GLN A 69 -6.03 -23.58 4.08
CA GLN A 69 -7.27 -23.61 4.84
C GLN A 69 -8.07 -22.33 4.63
N ALA A 70 -9.31 -22.51 4.17
CA ALA A 70 -10.30 -21.45 4.00
C ALA A 70 -11.29 -21.62 5.14
N GLY A 71 -11.15 -20.81 6.18
CA GLY A 71 -11.98 -20.99 7.35
C GLY A 71 -11.75 -22.37 7.90
N ASN A 72 -12.84 -23.14 8.00
CA ASN A 72 -12.74 -24.52 8.48
C ASN A 72 -12.98 -25.49 7.33
N VAL A 73 -12.26 -25.29 6.22
CA VAL A 73 -12.27 -26.22 5.11
C VAL A 73 -10.86 -26.30 4.57
N GLN A 74 -10.31 -27.51 4.52
CA GLN A 74 -9.05 -27.73 3.82
C GLN A 74 -9.31 -27.70 2.32
N LEU A 75 -8.52 -26.91 1.61
CA LEU A 75 -8.54 -26.87 0.15
C LEU A 75 -7.40 -27.75 -0.34
N ARG A 76 -7.66 -28.57 -1.35
CA ARG A 76 -6.61 -29.43 -1.85
C ARG A 76 -5.88 -28.72 -2.99
N VAL A 77 -4.55 -28.66 -2.87
CA VAL A 77 -3.68 -28.08 -3.90
C VAL A 77 -3.44 -29.12 -4.97
N ILE A 78 -3.82 -28.79 -6.20
CA ILE A 78 -3.68 -29.70 -7.35
C ILE A 78 -2.58 -29.24 -8.29
N GLY A 79 -1.80 -28.23 -7.91
CA GLY A 79 -0.74 -27.73 -8.76
C GLY A 79 -0.12 -26.50 -8.12
N HIS A 80 1.08 -26.19 -8.58
CA HIS A 80 1.77 -25.03 -8.01
C HIS A 80 2.76 -24.49 -9.02
N SER A 81 3.03 -23.20 -8.95
CA SER A 81 4.12 -22.61 -9.71
C SER A 81 4.60 -21.37 -8.99
N MET A 82 5.75 -20.88 -9.43
CA MET A 82 6.33 -19.60 -9.03
C MET A 82 6.20 -18.58 -10.15
N GLN A 83 5.70 -17.38 -9.81
CA GLN A 83 5.77 -16.22 -10.70
C GLN A 83 6.49 -15.12 -9.93
N ASN A 84 7.74 -14.81 -10.30
CA ASN A 84 8.52 -13.80 -9.58
C ASN A 84 8.60 -14.17 -8.11
N CYS A 85 8.19 -13.31 -7.18
CA CYS A 85 8.28 -13.65 -5.77
C CYS A 85 6.95 -14.15 -5.19
N VAL A 86 6.00 -14.56 -6.02
CA VAL A 86 4.78 -15.13 -5.45
C VAL A 86 4.63 -16.57 -5.90
N LEU A 87 3.99 -17.37 -5.04
CA LEU A 87 3.59 -18.73 -5.36
C LEU A 87 2.14 -18.72 -5.82
N LYS A 88 1.81 -19.53 -6.82
CA LYS A 88 0.43 -19.71 -7.23
C LYS A 88 0.04 -21.18 -7.03
N LEU A 89 -0.83 -21.42 -6.07
CA LEU A 89 -1.28 -22.78 -5.74
C LEU A 89 -2.61 -22.99 -6.41
N LYS A 90 -2.66 -23.90 -7.38
CA LYS A 90 -3.94 -24.19 -8.01
C LYS A 90 -4.69 -25.16 -7.10
N VAL A 91 -5.98 -24.89 -6.86
CA VAL A 91 -6.76 -25.66 -5.92
C VAL A 91 -7.96 -26.23 -6.64
N ASP A 92 -8.54 -27.29 -6.06
CA ASP A 92 -9.63 -28.01 -6.71
C ASP A 92 -10.93 -27.23 -6.73
N THR A 93 -11.07 -26.20 -5.89
CA THR A 93 -12.30 -25.46 -5.76
C THR A 93 -12.09 -24.00 -6.17
N ALA A 94 -12.97 -23.49 -7.02
CA ALA A 94 -13.00 -22.05 -7.24
C ALA A 94 -13.60 -21.36 -6.03
N ASN A 95 -13.14 -20.16 -5.74
CA ASN A 95 -13.69 -19.39 -4.64
C ASN A 95 -15.05 -18.81 -5.06
N PRO A 96 -16.15 -19.21 -4.41
CA PRO A 96 -17.46 -18.68 -4.83
C PRO A 96 -17.64 -17.22 -4.49
N LYS A 97 -16.81 -16.69 -3.60
CA LYS A 97 -16.84 -15.27 -3.28
C LYS A 97 -15.84 -14.45 -4.07
N THR A 98 -15.27 -14.98 -5.15
CA THR A 98 -14.32 -14.19 -5.93
C THR A 98 -15.02 -12.93 -6.42
N PRO A 99 -14.56 -11.71 -6.03
CA PRO A 99 -15.09 -10.49 -6.64
C PRO A 99 -14.56 -10.31 -8.05
N LYS A 100 -15.18 -9.37 -8.76
CA LYS A 100 -14.57 -8.78 -9.93
C LYS A 100 -13.25 -8.14 -9.52
N TYR A 101 -12.17 -8.43 -10.23
CA TYR A 101 -10.89 -7.91 -9.74
C TYR A 101 -9.92 -7.71 -10.88
N LYS A 102 -8.88 -6.93 -10.60
CA LYS A 102 -7.72 -6.87 -11.48
C LYS A 102 -6.49 -6.75 -10.58
N PHE A 103 -5.33 -7.03 -11.16
CA PHE A 103 -4.05 -6.81 -10.54
C PHE A 103 -3.44 -5.56 -11.16
N VAL A 104 -2.99 -4.61 -10.32
CA VAL A 104 -2.34 -3.40 -10.81
C VAL A 104 -1.07 -3.14 -10.04
N ARG A 105 -0.07 -2.64 -10.75
CA ARG A 105 1.15 -2.19 -10.11
C ARG A 105 1.11 -0.67 -10.00
N ILE A 106 1.11 -0.15 -8.77
CA ILE A 106 0.90 1.28 -8.59
C ILE A 106 2.22 2.02 -8.61
N GLN A 107 2.12 3.31 -8.82
CA GLN A 107 3.21 4.26 -8.75
C GLN A 107 3.37 4.76 -7.32
N PRO A 108 4.58 5.17 -7.00
CA PRO A 108 4.83 5.79 -5.71
C PRO A 108 3.95 7.01 -5.57
N GLY A 109 3.44 7.21 -4.35
CA GLY A 109 2.55 8.28 -4.01
C GLY A 109 1.09 7.88 -4.01
N GLN A 110 0.75 6.77 -4.66
CA GLN A 110 -0.62 6.26 -4.65
C GLN A 110 -0.94 5.57 -3.32
N THR A 111 -2.21 5.64 -2.96
CA THR A 111 -2.67 5.09 -1.68
C THR A 111 -3.47 3.84 -1.93
N PHE A 112 -3.70 3.08 -0.85
CA PHE A 112 -4.49 1.86 -0.91
C PHE A 112 -4.87 1.45 0.49
N SER A 113 -5.88 0.62 0.55
CA SER A 113 -6.32 0.02 1.81
C SER A 113 -5.59 -1.27 2.05
N VAL A 114 -5.27 -1.56 3.31
CA VAL A 114 -4.62 -2.82 3.67
C VAL A 114 -5.58 -3.59 4.57
N LEU A 115 -5.81 -4.87 4.25
CA LEU A 115 -6.59 -5.76 5.10
C LEU A 115 -5.57 -6.63 5.83
N ALA A 116 -5.22 -6.23 7.06
CA ALA A 116 -4.21 -6.96 7.78
C ALA A 116 -4.83 -8.28 8.28
N CYS A 117 -4.12 -9.40 8.07
CA CYS A 117 -4.67 -10.72 8.35
C CYS A 117 -3.65 -11.60 9.06
N TYR A 118 -4.15 -12.52 9.90
CA TYR A 118 -3.34 -13.53 10.57
C TYR A 118 -4.08 -14.86 10.49
N ASN A 119 -3.35 -15.92 10.13
CA ASN A 119 -3.93 -17.28 10.03
C ASN A 119 -5.14 -17.31 9.09
N GLY A 120 -5.09 -16.52 8.02
CA GLY A 120 -6.16 -16.42 7.05
C GLY A 120 -7.37 -15.66 7.51
N SER A 121 -7.31 -15.05 8.71
CA SER A 121 -8.45 -14.35 9.29
C SER A 121 -8.22 -12.85 9.30
N PRO A 122 -9.11 -12.07 8.69
CA PRO A 122 -8.89 -10.61 8.69
C PRO A 122 -8.95 -10.03 10.09
N SER A 123 -8.00 -9.16 10.40
CA SER A 123 -7.97 -8.51 11.71
C SER A 123 -8.28 -7.02 11.71
N GLY A 124 -7.92 -6.27 10.66
CA GLY A 124 -8.15 -4.84 10.68
C GLY A 124 -7.90 -4.26 9.31
N VAL A 125 -8.43 -3.06 9.11
CA VAL A 125 -8.27 -2.37 7.82
C VAL A 125 -7.71 -0.97 8.07
N TYR A 126 -6.73 -0.56 7.27
CA TYR A 126 -6.20 0.79 7.38
C TYR A 126 -5.75 1.26 6.01
N GLN A 127 -5.50 2.55 5.93
CA GLN A 127 -5.04 3.16 4.68
C GLN A 127 -3.55 3.45 4.74
N CYS A 128 -2.89 3.35 3.60
CA CYS A 128 -1.51 3.80 3.57
C CYS A 128 -1.16 4.16 2.15
N ALA A 129 0.07 4.66 1.97
CA ALA A 129 0.56 5.07 0.65
C ALA A 129 1.83 4.31 0.31
N MET A 130 2.06 4.15 -0.99
CA MET A 130 3.35 3.64 -1.40
C MET A 130 4.30 4.84 -1.29
N ARG A 131 5.31 4.74 -0.43
CA ARG A 131 6.21 5.88 -0.26
C ARG A 131 7.08 6.07 -1.51
N PRO A 132 7.64 7.28 -1.70
CA PRO A 132 8.60 7.48 -2.79
C PRO A 132 9.76 6.50 -2.79
N ASN A 133 10.14 5.98 -1.61
CA ASN A 133 11.23 5.00 -1.56
C ASN A 133 10.70 3.59 -1.65
N PHE A 134 9.43 3.42 -2.00
CA PHE A 134 8.85 2.11 -2.27
C PHE A 134 8.77 1.22 -1.02
N THR A 135 8.77 1.81 0.16
CA THR A 135 8.27 1.14 1.35
C THR A 135 6.85 1.62 1.64
N ILE A 136 6.19 0.90 2.55
CA ILE A 136 4.95 1.40 3.12
C ILE A 136 5.06 1.43 4.64
N LYS A 137 4.40 2.42 5.24
CA LYS A 137 4.38 2.56 6.69
C LYS A 137 3.13 1.85 7.18
N GLY A 138 3.25 0.51 7.30
CA GLY A 138 2.13 -0.33 7.60
C GLY A 138 2.07 -0.65 9.08
N SER A 139 1.17 -1.57 9.42
CA SER A 139 1.11 -2.09 10.79
C SER A 139 0.98 -3.61 10.67
N PHE A 140 2.11 -4.30 10.88
CA PHE A 140 2.25 -5.70 10.54
C PHE A 140 3.11 -6.40 11.59
N LEU A 141 2.66 -7.58 12.01
CA LEU A 141 3.36 -8.46 12.93
C LEU A 141 3.73 -9.77 12.22
N ASN A 142 4.47 -10.62 12.93
CA ASN A 142 4.76 -11.93 12.36
C ASN A 142 3.43 -12.62 12.09
N GLY A 143 3.31 -13.25 10.93
CA GLY A 143 2.07 -13.87 10.52
C GLY A 143 1.29 -13.06 9.51
N SER A 144 1.68 -11.80 9.27
CA SER A 144 0.85 -10.95 8.43
C SER A 144 1.22 -11.05 6.95
N ALA A 145 2.36 -11.64 6.62
CA ALA A 145 2.71 -11.80 5.22
C ALA A 145 1.57 -12.44 4.43
N GLY A 146 1.38 -11.99 3.18
CA GLY A 146 0.21 -12.39 2.42
C GLY A 146 -1.00 -11.50 2.54
N SER A 147 -1.07 -10.63 3.55
CA SER A 147 -2.11 -9.60 3.56
C SER A 147 -1.95 -8.74 2.32
N VAL A 148 -3.07 -8.24 1.79
CA VAL A 148 -3.03 -7.51 0.52
C VAL A 148 -3.48 -6.06 0.69
N GLY A 149 -2.99 -5.22 -0.21
CA GLY A 149 -3.46 -3.85 -0.35
C GLY A 149 -4.32 -3.74 -1.61
N PHE A 150 -5.31 -2.83 -1.58
CA PHE A 150 -6.26 -2.78 -2.69
C PHE A 150 -6.94 -1.43 -2.77
N ASN A 151 -7.49 -1.17 -3.94
CA ASN A 151 -8.44 -0.09 -4.17
C ASN A 151 -9.69 -0.68 -4.77
N ILE A 152 -10.82 -0.02 -4.59
CA ILE A 152 -12.06 -0.50 -5.17
C ILE A 152 -12.62 0.61 -6.05
N ASP A 153 -13.06 0.23 -7.24
CA ASP A 153 -13.71 1.11 -8.21
C ASP A 153 -14.99 0.46 -8.67
N TYR A 154 -16.12 1.13 -8.43
CA TYR A 154 -17.42 0.48 -8.49
C TYR A 154 -17.40 -0.84 -7.72
N ASP A 155 -17.49 -1.97 -8.42
CA ASP A 155 -17.44 -3.26 -7.74
C ASP A 155 -16.18 -4.04 -8.10
N CYS A 156 -15.19 -3.36 -8.67
CA CYS A 156 -13.96 -4.01 -9.13
C CYS A 156 -12.85 -3.75 -8.11
N VAL A 157 -12.31 -4.82 -7.55
CA VAL A 157 -11.22 -4.72 -6.60
C VAL A 157 -9.91 -4.75 -7.39
N SER A 158 -9.11 -3.69 -7.26
CA SER A 158 -7.78 -3.65 -7.88
C SER A 158 -6.75 -3.94 -6.80
N PHE A 159 -6.20 -5.15 -6.82
CA PHE A 159 -5.19 -5.52 -5.84
C PHE A 159 -3.88 -4.92 -6.31
N CYS A 160 -3.16 -4.29 -5.40
CA CYS A 160 -1.89 -3.66 -5.75
C CYS A 160 -0.70 -3.98 -4.84
N TYR A 161 -0.92 -4.69 -3.73
CA TYR A 161 0.17 -4.97 -2.81
C TYR A 161 -0.09 -6.32 -2.14
N MET A 162 0.97 -7.09 -2.00
CA MET A 162 1.00 -8.29 -1.14
C MET A 162 2.14 -8.14 -0.17
N HIS A 163 1.87 -8.27 1.14
CA HIS A 163 2.89 -7.97 2.11
C HIS A 163 3.88 -9.12 2.27
N HIS A 164 5.20 -8.79 2.36
CA HIS A 164 6.22 -9.83 2.54
C HIS A 164 7.02 -9.68 3.82
N MET A 165 7.51 -8.48 4.16
CA MET A 165 8.59 -8.41 5.14
C MET A 165 8.66 -7.04 5.75
N GLU A 166 9.44 -6.95 6.82
CA GLU A 166 9.64 -5.72 7.55
C GLU A 166 11.13 -5.41 7.57
N LEU A 167 11.47 -4.18 7.23
CA LEU A 167 12.83 -3.71 7.19
C LEU A 167 13.25 -3.28 8.60
N PRO A 168 14.56 -3.13 8.84
CA PRO A 168 15.03 -2.79 10.20
C PRO A 168 14.45 -1.51 10.77
N THR A 169 14.07 -0.54 9.96
CA THR A 169 13.48 0.70 10.45
C THR A 169 12.00 0.51 10.79
N GLY A 170 11.45 -0.67 10.59
CA GLY A 170 10.06 -0.88 10.99
C GLY A 170 9.05 -0.52 9.93
N VAL A 171 9.50 -0.22 8.72
CA VAL A 171 8.60 0.00 7.61
C VAL A 171 8.59 -1.28 6.76
N HIS A 172 7.74 -1.31 5.75
CA HIS A 172 7.33 -2.59 5.19
C HIS A 172 7.56 -2.66 3.69
N ALA A 173 7.80 -3.89 3.21
CA ALA A 173 8.20 -4.13 1.83
C ALA A 173 7.42 -5.32 1.31
N GLY A 174 7.02 -5.23 0.04
CA GLY A 174 6.24 -6.31 -0.53
C GLY A 174 6.19 -6.16 -2.04
N THR A 175 5.29 -6.91 -2.65
CA THR A 175 5.23 -7.04 -4.10
C THR A 175 3.88 -6.61 -4.63
N ASP A 176 3.81 -6.48 -5.96
CA ASP A 176 2.53 -6.48 -6.63
C ASP A 176 1.98 -7.92 -6.62
N LEU A 177 0.79 -8.12 -7.15
CA LEU A 177 0.22 -9.46 -7.03
C LEU A 177 0.78 -10.39 -8.10
N GLU A 178 1.62 -9.87 -8.99
CA GLU A 178 2.39 -10.73 -9.88
C GLU A 178 3.79 -11.01 -9.32
N GLY A 179 4.05 -10.64 -8.06
CA GLY A 179 5.28 -11.03 -7.39
C GLY A 179 6.48 -10.14 -7.60
N ASN A 180 6.35 -8.99 -8.26
CA ASN A 180 7.50 -8.12 -8.41
C ASN A 180 7.56 -7.17 -7.20
N PHE A 181 8.68 -7.13 -6.50
CA PHE A 181 8.81 -6.18 -5.39
C PHE A 181 8.65 -4.73 -5.85
N TYR A 182 8.05 -3.91 -4.99
CA TYR A 182 8.23 -2.48 -5.09
C TYR A 182 9.60 -2.11 -4.54
N GLY A 183 10.35 -1.27 -5.25
CA GLY A 183 11.67 -0.90 -4.75
C GLY A 183 12.72 -1.95 -5.06
N PRO A 184 13.91 -1.74 -4.49
CA PRO A 184 15.08 -2.59 -4.77
C PRO A 184 15.18 -3.85 -3.92
N PHE A 185 14.13 -4.18 -3.19
CA PHE A 185 14.18 -5.22 -2.17
C PHE A 185 14.09 -6.61 -2.76
N VAL A 186 14.71 -7.58 -2.04
CA VAL A 186 14.70 -8.97 -2.40
C VAL A 186 14.24 -9.80 -1.21
N ASP A 187 13.59 -10.94 -1.48
CA ASP A 187 13.13 -11.84 -0.40
C ASP A 187 14.27 -12.74 0.05
N ARG A 188 15.32 -12.10 0.55
CA ARG A 188 16.44 -12.77 1.20
C ARG A 188 16.71 -12.08 2.51
N GLN A 189 17.15 -12.87 3.47
CA GLN A 189 17.76 -12.31 4.66
C GLN A 189 19.10 -11.71 4.25
N THR A 190 19.14 -10.39 4.13
CA THR A 190 20.40 -9.72 3.85
C THR A 190 20.25 -8.32 4.42
N ALA A 191 21.37 -7.61 4.46
CA ALA A 191 21.31 -6.18 4.74
C ALA A 191 20.59 -5.52 3.57
N GLN A 192 19.47 -4.89 3.88
CA GLN A 192 18.72 -4.11 2.92
C GLN A 192 18.17 -2.92 3.69
N ALA A 193 18.14 -1.78 3.02
CA ALA A 193 17.70 -0.55 3.67
C ALA A 193 17.02 0.34 2.63
N ALA A 194 15.89 0.91 3.04
CA ALA A 194 15.17 1.87 2.22
C ALA A 194 16.06 3.06 1.86
N GLY A 195 15.93 3.51 0.62
CA GLY A 195 16.47 4.81 0.25
C GLY A 195 15.82 5.91 1.06
N THR A 196 16.46 7.07 1.08
CA THR A 196 15.91 8.15 1.88
C THR A 196 14.55 8.57 1.32
N ASP A 197 13.60 8.78 2.20
CA ASP A 197 12.27 9.07 1.72
C ASP A 197 12.07 10.57 1.58
N THR A 198 11.02 10.91 0.84
CA THR A 198 10.61 12.27 0.53
C THR A 198 9.12 12.41 0.75
N THR A 199 8.68 13.66 0.87
CA THR A 199 7.27 13.92 1.11
C THR A 199 6.57 14.04 -0.23
N ILE A 200 5.38 13.44 -0.34
CA ILE A 200 4.62 13.45 -1.57
C ILE A 200 3.88 14.77 -1.76
N THR A 201 4.52 15.70 -2.48
CA THR A 201 4.02 17.06 -2.62
C THR A 201 2.58 17.18 -3.14
N VAL A 202 2.28 16.50 -4.24
CA VAL A 202 0.96 16.58 -4.84
C VAL A 202 -0.11 16.13 -3.85
N ASN A 203 0.22 15.18 -2.96
CA ASN A 203 -0.74 14.75 -1.96
C ASN A 203 -0.95 15.80 -0.87
N VAL A 204 0.15 16.46 -0.45
CA VAL A 204 0.02 17.52 0.55
C VAL A 204 -0.91 18.60 0.01
N LEU A 205 -0.70 18.98 -1.25
CA LEU A 205 -1.56 19.98 -1.89
C LEU A 205 -3.02 19.52 -1.92
N ALA A 206 -3.27 18.26 -2.27
CA ALA A 206 -4.64 17.76 -2.29
C ALA A 206 -5.30 17.91 -0.92
N TRP A 207 -4.56 17.59 0.14
CA TRP A 207 -5.07 17.66 1.50
C TRP A 207 -5.29 19.09 1.95
N LEU A 208 -4.45 20.01 1.47
CA LEU A 208 -4.78 21.42 1.71
C LEU A 208 -6.07 21.81 1.00
N TYR A 209 -6.34 21.27 -0.20
CA TYR A 209 -7.64 21.52 -0.82
C TYR A 209 -8.75 20.90 0.00
N ALA A 210 -8.53 19.69 0.54
CA ALA A 210 -9.55 19.10 1.38
C ALA A 210 -9.87 20.01 2.56
N ALA A 211 -8.84 20.65 3.13
CA ALA A 211 -9.05 21.53 4.28
C ALA A 211 -9.91 22.72 3.90
N VAL A 212 -9.63 23.33 2.74
CA VAL A 212 -10.45 24.43 2.23
C VAL A 212 -11.88 23.98 2.01
N ILE A 213 -12.08 22.81 1.42
CA ILE A 213 -13.43 22.33 1.18
C ILE A 213 -14.18 22.20 2.48
N ASN A 214 -13.48 21.83 3.54
CA ASN A 214 -14.11 21.66 4.85
C ASN A 214 -14.12 22.93 5.70
N GLY A 215 -13.78 24.06 5.13
CA GLY A 215 -14.02 25.34 5.77
C GLY A 215 -12.82 25.95 6.46
N ASP A 216 -11.62 25.49 6.16
CA ASP A 216 -10.41 25.95 6.83
C ASP A 216 -9.55 26.71 5.82
N ARG A 217 -9.39 28.03 6.00
CA ARG A 217 -8.63 28.84 5.05
C ARG A 217 -7.45 29.58 5.68
N TRP A 218 -7.06 29.29 6.93
CA TRP A 218 -6.16 30.18 7.66
C TRP A 218 -4.79 30.24 7.03
N PHE A 219 -4.41 29.18 6.32
CA PHE A 219 -3.10 29.06 5.70
C PHE A 219 -3.03 29.66 4.31
N LEU A 220 -4.14 30.11 3.73
CA LEU A 220 -4.08 30.72 2.41
C LEU A 220 -3.38 32.08 2.49
N ASN A 221 -2.92 32.56 1.34
CA ASN A 221 -2.36 33.91 1.24
C ASN A 221 -2.65 34.45 -0.15
N ARG A 222 -2.20 35.69 -0.41
CA ARG A 222 -2.53 36.32 -1.68
C ARG A 222 -1.43 36.13 -2.72
N PHE A 223 -0.32 35.51 -2.35
CA PHE A 223 0.76 35.33 -3.30
C PHE A 223 0.48 34.19 -4.27
N THR A 224 1.17 34.23 -5.40
CA THR A 224 1.32 33.12 -6.32
C THR A 224 2.81 32.83 -6.39
N THR A 225 3.15 31.69 -6.97
CA THR A 225 4.54 31.32 -7.16
C THR A 225 4.61 30.70 -8.55
N THR A 226 5.81 30.65 -9.10
CA THR A 226 6.01 29.88 -10.33
C THR A 226 6.29 28.43 -9.97
N LEU A 227 5.98 27.54 -10.90
CA LEU A 227 6.32 26.14 -10.70
C LEU A 227 7.81 25.99 -10.38
N ASN A 228 8.67 26.57 -11.23
CA ASN A 228 10.12 26.50 -11.00
C ASN A 228 10.51 27.00 -9.62
N ASP A 229 9.93 28.12 -9.17
CA ASP A 229 10.34 28.65 -7.87
C ASP A 229 9.81 27.79 -6.74
N PHE A 230 8.58 27.28 -6.89
CA PHE A 230 8.07 26.37 -5.86
C PHE A 230 8.97 25.15 -5.75
N ASN A 231 9.33 24.57 -6.89
CA ASN A 231 10.14 23.34 -6.89
C ASN A 231 11.49 23.57 -6.25
N LEU A 232 12.00 24.81 -6.28
CA LEU A 232 13.21 25.13 -5.55
C LEU A 232 13.01 24.99 -4.05
N VAL A 233 11.87 25.46 -3.53
CA VAL A 233 11.61 25.33 -2.10
C VAL A 233 11.30 23.87 -1.74
N ALA A 234 10.56 23.18 -2.62
CA ALA A 234 10.28 21.76 -2.42
C ALA A 234 11.57 20.98 -2.19
N MET A 235 12.56 21.21 -3.05
CA MET A 235 13.74 20.37 -2.93
C MET A 235 14.48 20.67 -1.63
N LYS A 236 14.45 21.94 -1.17
CA LYS A 236 15.15 22.27 0.06
C LYS A 236 14.51 21.60 1.29
N TYR A 237 13.21 21.34 1.26
CA TYR A 237 12.52 20.72 2.39
C TYR A 237 12.25 19.23 2.17
N ASN A 238 12.94 18.60 1.22
CA ASN A 238 12.86 17.15 1.01
C ASN A 238 11.46 16.74 0.51
N TYR A 239 10.88 17.57 -0.36
CA TYR A 239 9.61 17.31 -1.00
C TYR A 239 9.85 16.86 -2.43
N GLU A 240 8.97 15.97 -2.93
CA GLU A 240 9.06 15.52 -4.31
C GLU A 240 8.87 16.70 -5.26
N PRO A 241 9.58 16.73 -6.39
CA PRO A 241 9.26 17.74 -7.39
C PRO A 241 7.78 17.66 -7.79
N LEU A 242 7.17 18.82 -7.99
CA LEU A 242 5.82 18.92 -8.55
C LEU A 242 5.91 19.14 -10.05
N THR A 243 5.18 18.36 -10.82
CA THR A 243 5.24 18.43 -12.27
C THR A 243 4.00 19.11 -12.80
N GLN A 244 4.07 19.51 -14.07
CA GLN A 244 2.88 20.01 -14.73
C GLN A 244 1.76 18.96 -14.74
N ASP A 245 2.13 17.69 -14.75
CA ASP A 245 1.12 16.65 -14.66
C ASP A 245 0.42 16.68 -13.30
N HIS A 246 1.17 16.90 -12.23
CA HIS A 246 0.54 17.04 -10.91
C HIS A 246 -0.41 18.21 -10.90
N VAL A 247 0.04 19.35 -11.45
CA VAL A 247 -0.82 20.53 -11.55
C VAL A 247 -2.12 20.18 -12.23
N ASP A 248 -2.01 19.49 -13.38
CA ASP A 248 -3.21 19.09 -14.12
C ASP A 248 -4.10 18.17 -13.29
N ILE A 249 -3.50 17.23 -12.55
CA ILE A 249 -4.31 16.31 -11.75
C ILE A 249 -5.07 17.06 -10.67
N LEU A 250 -4.48 18.10 -10.13
CA LEU A 250 -5.13 18.93 -9.12
C LEU A 250 -6.15 19.88 -9.71
N GLY A 251 -6.43 19.77 -11.01
CA GLY A 251 -7.34 20.63 -11.71
C GLY A 251 -8.74 20.66 -11.12
N PRO A 252 -9.37 19.49 -10.96
CA PRO A 252 -10.74 19.48 -10.39
C PRO A 252 -10.84 20.15 -9.02
N LEU A 253 -9.87 19.93 -8.14
CA LEU A 253 -9.93 20.51 -6.80
C LEU A 253 -9.69 22.02 -6.84
N SER A 254 -8.74 22.47 -7.67
CA SER A 254 -8.58 23.91 -7.91
C SER A 254 -9.89 24.53 -8.40
N ALA A 255 -10.59 23.84 -9.30
CA ALA A 255 -11.83 24.34 -9.88
C ALA A 255 -12.94 24.44 -8.84
N GLN A 256 -13.12 23.40 -8.03
CA GLN A 256 -14.16 23.43 -7.00
C GLN A 256 -13.92 24.53 -5.98
N THR A 257 -12.68 24.77 -5.60
CA THR A 257 -12.40 25.71 -4.52
C THR A 257 -12.07 27.12 -5.02
N GLY A 258 -11.87 27.31 -6.32
CA GLY A 258 -11.43 28.60 -6.81
C GLY A 258 -10.02 29.02 -6.44
N ILE A 259 -9.18 28.10 -5.97
CA ILE A 259 -7.79 28.43 -5.64
C ILE A 259 -6.92 27.81 -6.71
N ALA A 260 -6.17 28.66 -7.42
CA ALA A 260 -5.28 28.17 -8.45
C ALA A 260 -4.22 27.27 -7.83
N VAL A 261 -3.79 26.25 -8.59
CA VAL A 261 -2.78 25.32 -8.06
C VAL A 261 -1.55 26.06 -7.60
N LEU A 262 -1.07 27.00 -8.42
CA LEU A 262 0.15 27.71 -8.06
C LEU A 262 -0.07 28.61 -6.86
N ASP A 263 -1.31 29.05 -6.62
CA ASP A 263 -1.59 29.79 -5.40
C ASP A 263 -1.53 28.89 -4.18
N MET A 264 -2.17 27.70 -4.25
CA MET A 264 -1.98 26.73 -3.17
C MET A 264 -0.51 26.44 -2.93
N CYS A 265 0.31 26.44 -4.00
CA CYS A 265 1.73 26.17 -3.81
C CYS A 265 2.40 27.27 -2.98
N ALA A 266 1.97 28.52 -3.17
CA ALA A 266 2.48 29.61 -2.34
C ALA A 266 2.07 29.44 -0.88
N SER A 267 0.85 28.94 -0.62
CA SER A 267 0.47 28.59 0.74
C SER A 267 1.43 27.55 1.33
N LEU A 268 1.69 26.48 0.56
CA LEU A 268 2.55 25.40 1.05
C LEU A 268 3.96 25.93 1.29
N LYS A 269 4.46 26.79 0.40
CA LYS A 269 5.80 27.36 0.61
C LYS A 269 5.87 28.11 1.94
N GLU A 270 4.86 28.95 2.22
CA GLU A 270 4.80 29.65 3.49
C GLU A 270 4.74 28.68 4.67
N LEU A 271 3.92 27.63 4.57
CA LEU A 271 3.85 26.63 5.64
C LEU A 271 5.20 25.95 5.85
N LEU A 272 5.91 25.67 4.76
CA LEU A 272 7.23 25.03 4.87
C LEU A 272 8.23 25.94 5.55
N GLN A 273 8.18 27.24 5.21
CA GLN A 273 9.17 28.20 5.69
C GLN A 273 8.88 28.69 7.10
N ASN A 274 7.62 28.70 7.51
CA ASN A 274 7.21 29.33 8.74
C ASN A 274 6.63 28.38 9.76
N GLY A 275 6.36 27.13 9.40
CA GLY A 275 5.67 26.24 10.30
C GLY A 275 4.21 26.60 10.42
N MET A 276 3.62 26.11 11.49
CA MET A 276 2.19 26.20 11.62
C MET A 276 1.79 27.16 12.73
N ASN A 277 2.75 27.60 13.55
CA ASN A 277 2.53 28.51 14.68
C ASN A 277 1.41 28.01 15.59
N GLY A 278 1.55 26.76 16.01
CA GLY A 278 0.62 26.17 16.95
C GLY A 278 -0.78 25.92 16.42
N ARG A 279 -0.99 26.05 15.12
CA ARG A 279 -2.27 25.78 14.49
C ARG A 279 -2.28 24.37 13.91
N THR A 280 -3.47 23.87 13.62
CA THR A 280 -3.65 22.57 12.99
C THR A 280 -4.43 22.71 11.68
N ILE A 281 -4.30 21.70 10.82
CA ILE A 281 -5.09 21.60 9.60
C ILE A 281 -5.76 20.23 9.61
N LEU A 282 -7.10 20.20 9.44
CA LEU A 282 -7.84 18.94 9.52
C LEU A 282 -7.36 18.07 10.67
N GLY A 283 -7.09 18.71 11.80
CA GLY A 283 -6.74 17.99 13.01
C GLY A 283 -5.33 17.48 13.06
N SER A 284 -4.45 17.90 12.15
CA SER A 284 -3.06 17.52 12.16
C SER A 284 -2.15 18.71 12.40
N ALA A 285 -1.10 18.49 13.18
CA ALA A 285 -0.05 19.49 13.29
C ALA A 285 1.11 19.24 12.35
N LEU A 286 1.04 18.21 11.51
CA LEU A 286 1.99 17.97 10.44
C LEU A 286 1.27 18.09 9.10
N LEU A 287 2.03 18.33 8.04
CA LEU A 287 1.51 18.38 6.69
C LEU A 287 1.30 16.95 6.20
N GLU A 288 0.05 16.59 5.96
CA GLU A 288 -0.31 15.21 5.66
C GLU A 288 -0.11 14.87 4.17
N ASP A 289 0.54 13.73 3.87
CA ASP A 289 0.81 13.42 2.46
C ASP A 289 0.32 12.04 2.01
N GLU A 290 -0.61 11.42 2.73
CA GLU A 290 -1.14 10.13 2.32
C GLU A 290 -2.61 10.21 1.92
N PHE A 291 -3.02 11.35 1.35
CA PHE A 291 -4.27 11.48 0.61
C PHE A 291 -3.96 11.93 -0.82
N THR A 292 -4.37 11.14 -1.81
CA THR A 292 -4.20 11.57 -3.19
C THR A 292 -5.30 12.55 -3.58
N PRO A 293 -5.14 13.23 -4.70
CA PRO A 293 -6.24 14.05 -5.21
C PRO A 293 -7.53 13.26 -5.36
N PHE A 294 -7.42 12.02 -5.81
CA PHE A 294 -8.60 11.19 -5.95
C PHE A 294 -9.21 10.88 -4.59
N ASP A 295 -8.38 10.56 -3.60
CA ASP A 295 -8.92 10.31 -2.27
C ASP A 295 -9.77 11.49 -1.79
N VAL A 296 -9.31 12.72 -2.06
CA VAL A 296 -10.01 13.89 -1.54
C VAL A 296 -11.36 14.03 -2.23
N VAL A 297 -11.39 13.91 -3.55
CA VAL A 297 -12.65 13.97 -4.28
C VAL A 297 -13.60 12.85 -3.84
N ARG A 298 -13.06 11.66 -3.60
CA ARG A 298 -13.87 10.52 -3.19
C ARG A 298 -14.58 10.79 -1.87
N GLN A 299 -13.91 11.44 -0.94
CA GLN A 299 -14.45 11.56 0.40
C GLN A 299 -15.20 12.88 0.60
N CYS A 300 -14.77 13.95 -0.03
CA CYS A 300 -15.51 15.20 0.09
C CYS A 300 -16.74 15.26 -0.83
N SER A 301 -16.93 14.29 -1.74
CA SER A 301 -18.11 14.25 -2.62
C SER A 301 -19.01 13.03 -2.41
N GLY A 302 -18.51 11.93 -1.83
CA GLY A 302 -19.36 10.85 -1.33
C GLY A 302 -19.63 9.70 -2.28
N VAL A 303 -18.58 9.27 -2.98
CA VAL A 303 -18.69 8.18 -3.95
C VAL A 303 -18.77 6.85 -3.22
N THR A 304 -19.62 5.93 -3.73
CA THR A 304 -19.88 4.61 -3.13
C THR A 304 -19.43 3.47 -4.06
N PHE A 305 -19.65 2.23 -3.59
CA PHE A 305 -19.12 1.01 -4.24
C PHE A 305 -20.10 -0.19 -4.18
N SER B 2 19.09 -5.13 12.51
CA SER B 2 20.02 -5.06 11.39
C SER B 2 19.52 -5.80 10.14
N GLY B 3 18.67 -6.82 10.33
CA GLY B 3 18.20 -7.61 9.21
C GLY B 3 16.72 -7.47 8.84
N VAL B 4 16.38 -7.83 7.61
CA VAL B 4 14.97 -7.91 7.23
C VAL B 4 14.31 -9.05 8.02
N THR B 5 13.04 -8.88 8.37
CA THR B 5 12.24 -9.93 8.97
C THR B 5 11.15 -10.34 7.99
N PHE B 6 11.14 -11.59 7.56
CA PHE B 6 10.04 -12.13 6.76
C PHE B 6 8.86 -12.43 7.68
N GLN B 7 7.70 -11.86 7.36
CA GLN B 7 6.64 -11.89 8.37
C GLN B 7 5.62 -13.00 8.14
N SER B 8 6.10 -14.18 7.75
CA SER B 8 5.38 -15.40 8.06
C SER B 8 5.42 -15.61 9.57
N ALA B 9 4.76 -16.68 10.01
CA ALA B 9 4.83 -17.12 11.40
C ALA B 9 5.14 -18.61 11.45
N VAL B 10 5.64 -19.03 12.62
CA VAL B 10 5.83 -20.45 12.91
C VAL B 10 4.47 -21.06 13.26
N LYS B 11 4.20 -22.23 12.69
CA LYS B 11 2.94 -22.92 12.95
C LYS B 11 2.89 -23.41 14.39
#